data_3LMG
#
_entry.id   3LMG
#
_cell.length_a   193.348
_cell.length_b   47.981
_cell.length_c   82.224
_cell.angle_alpha   90.000
_cell.angle_beta   108.110
_cell.angle_gamma   90.000
#
_symmetry.space_group_name_H-M   'C 1 2 1'
#
loop_
_entity.id
_entity.type
_entity.pdbx_description
1 polymer 'Receptor tyrosine-protein kinase erbB-3'
2 non-polymer 'MAGNESIUM ION'
3 non-polymer 'PHOSPHOAMINOPHOSPHONIC ACID-ADENYLATE ESTER'
4 water water
#
_entity_poly.entity_id   1
_entity_poly.type   'polypeptide(L)'
_entity_poly.pdbx_seq_one_letter_code
;MHHHHHHGESIEPLDPSEKANKVLARIFKETELRKLKVLGSGVFGTVHKGVWIPEGESIKIPVCIKVIEDKSGRQSFQAV
TDHMLAIGSLDHAHIVRLLGLCPGSSLQLVTQYLPLGSLLDHVRQHRGALGPQLLLNWGVQIAKGMYYLEEHGMVHRNLA
ARNVLLKSPSQVQVADFGVADLLPPDDKQLLYSEAKTPIKWMALESIHFGKYTHQSDVWSYGVTVWELMTFGAEPYAGLR
LAEVPDLLEKGERLAQPQICTIDVYMVMVKCWMIDENIRPTFKELANEFTRMARDPPRYLVIKRESGPGIAPGPEPHGLT
NKKLEEVELEPELDLDLDLEAEED
;
_entity_poly.pdbx_strand_id   A,B
#
loop_
_chem_comp.id
_chem_comp.type
_chem_comp.name
_chem_comp.formula
ANP non-polymer 'PHOSPHOAMINOPHOSPHONIC ACID-ADENYLATE ESTER' 'C10 H17 N6 O12 P3'
MG non-polymer 'MAGNESIUM ION' 'Mg 2'
#
# COMPACT_ATOMS: atom_id res chain seq x y z
N VAL A 23 -0.72 -33.24 -3.90
CA VAL A 23 0.50 -32.54 -4.40
C VAL A 23 0.23 -31.84 -5.75
N LEU A 24 -0.64 -30.85 -5.69
CA LEU A 24 -1.02 -30.03 -6.86
C LEU A 24 -1.44 -28.62 -6.44
N ALA A 25 -1.29 -27.67 -7.35
CA ALA A 25 -1.70 -26.28 -7.11
C ALA A 25 -2.49 -25.74 -8.29
N ARG A 26 -3.57 -25.01 -7.99
CA ARG A 26 -4.39 -24.38 -9.02
C ARG A 26 -3.69 -23.21 -9.70
N ILE A 27 -3.86 -23.12 -11.02
CA ILE A 27 -3.36 -21.98 -11.79
C ILE A 27 -4.53 -21.07 -12.13
N PHE A 28 -4.37 -19.78 -11.82
CA PHE A 28 -5.40 -18.80 -12.11
C PHE A 28 -5.05 -17.99 -13.36
N LYS A 29 -5.94 -18.03 -14.34
CA LYS A 29 -5.85 -17.16 -15.50
C LYS A 29 -5.82 -15.69 -15.02
N GLU A 30 -5.06 -14.86 -15.74
CA GLU A 30 -4.89 -13.45 -15.40
C GLU A 30 -6.24 -12.73 -15.36
N THR A 31 -7.15 -13.13 -16.25
CA THR A 31 -8.48 -12.53 -16.42
C THR A 31 -9.50 -12.95 -15.36
N GLU A 32 -9.07 -13.79 -14.43
CA GLU A 32 -9.91 -14.22 -13.30
C GLU A 32 -9.72 -13.30 -12.09
N LEU A 33 -8.51 -12.74 -11.97
CA LEU A 33 -8.14 -11.92 -10.83
C LEU A 33 -8.22 -10.43 -11.14
N ARG A 34 -8.74 -9.67 -10.17
CA ARG A 34 -8.78 -8.22 -10.27
C ARG A 34 -8.37 -7.61 -8.93
N LYS A 35 -7.45 -6.64 -8.97
CA LYS A 35 -6.99 -5.97 -7.75
C LYS A 35 -7.78 -4.70 -7.47
N LEU A 36 -8.30 -4.58 -6.26
CA LEU A 36 -9.07 -3.38 -5.87
C LEU A 36 -8.23 -2.33 -5.14
N LYS A 37 -7.56 -2.76 -4.08
CA LYS A 37 -6.80 -1.86 -3.22
C LYS A 37 -5.53 -2.54 -2.74
N VAL A 38 -4.47 -1.77 -2.57
CA VAL A 38 -3.24 -2.28 -1.97
C VAL A 38 -3.35 -2.22 -0.44
N LEU A 39 -2.85 -3.25 0.23
CA LEU A 39 -2.86 -3.26 1.69
C LEU A 39 -1.52 -2.85 2.27
N GLY A 40 -0.45 -3.25 1.60
CA GLY A 40 0.91 -2.98 2.06
C GLY A 40 1.93 -3.89 1.39
N SER A 41 3.17 -3.82 1.84
CA SER A 41 4.25 -4.62 1.26
C SER A 41 5.32 -4.95 2.29
N GLY A 42 5.80 -6.18 2.26
CA GLY A 42 6.87 -6.61 3.14
C GLY A 42 8.18 -6.84 2.42
N VAL A 43 8.92 -7.86 2.87
CA VAL A 43 10.29 -8.11 2.43
C VAL A 43 10.35 -8.62 1.00
N PHE A 44 9.36 -9.39 0.59
CA PHE A 44 9.42 -10.08 -0.69
C PHE A 44 8.38 -9.61 -1.69
N GLY A 45 7.21 -9.25 -1.19
CA GLY A 45 6.08 -8.92 -2.06
C GLY A 45 5.25 -7.72 -1.66
N THR A 46 4.12 -7.59 -2.32
CA THR A 46 3.17 -6.50 -2.14
C THR A 46 1.77 -7.10 -2.15
N VAL A 47 1.06 -6.95 -1.04
CA VAL A 47 -0.25 -7.60 -0.88
C VAL A 47 -1.40 -6.66 -1.27
N HIS A 48 -2.29 -7.14 -2.12
CA HIS A 48 -3.42 -6.35 -2.61
C HIS A 48 -4.76 -7.02 -2.31
N LYS A 49 -5.70 -6.24 -1.80
CA LYS A 49 -7.08 -6.67 -1.66
C LYS A 49 -7.69 -6.71 -3.06
N GLY A 50 -8.31 -7.83 -3.38
CA GLY A 50 -8.82 -8.04 -4.73
C GLY A 50 -10.03 -8.92 -4.79
N VAL A 51 -10.47 -9.20 -6.01
CA VAL A 51 -11.64 -10.03 -6.25
C VAL A 51 -11.25 -11.16 -7.21
N TRP A 52 -11.99 -12.27 -7.13
CA TRP A 52 -11.82 -13.36 -8.07
C TRP A 52 -13.12 -13.62 -8.83
N ILE A 53 -13.05 -13.54 -10.17
CA ILE A 53 -14.21 -13.82 -11.04
C ILE A 53 -13.95 -15.01 -11.99
N PRO A 54 -14.33 -16.23 -11.55
CA PRO A 54 -14.19 -17.42 -12.39
C PRO A 54 -15.28 -17.64 -13.44
N GLU A 55 -14.89 -18.35 -14.50
CA GLU A 55 -15.80 -18.90 -15.52
C GLU A 55 -16.69 -17.91 -16.29
N GLY A 56 -16.15 -16.72 -16.58
CA GLY A 56 -16.85 -15.76 -17.43
C GLY A 56 -18.05 -15.09 -16.76
N GLU A 57 -18.99 -15.89 -16.29
CA GLU A 57 -20.18 -15.36 -15.61
C GLU A 57 -19.78 -14.64 -14.34
N SER A 58 -20.46 -13.52 -14.07
CA SER A 58 -20.13 -12.65 -12.95
C SER A 58 -20.31 -13.33 -11.60
N ILE A 59 -19.32 -13.14 -10.76
CA ILE A 59 -19.31 -13.56 -9.36
C ILE A 59 -18.25 -12.68 -8.71
N LYS A 60 -18.30 -12.53 -7.40
CA LYS A 60 -17.34 -11.65 -6.73
C LYS A 60 -16.83 -12.29 -5.44
N ILE A 61 -15.73 -13.02 -5.54
CA ILE A 61 -15.10 -13.63 -4.35
C ILE A 61 -13.97 -12.75 -3.85
N PRO A 62 -14.07 -12.27 -2.59
CA PRO A 62 -13.00 -11.48 -1.99
C PRO A 62 -11.75 -12.33 -1.80
N VAL A 63 -10.63 -11.88 -2.36
CA VAL A 63 -9.34 -12.57 -2.22
C VAL A 63 -8.21 -11.60 -1.93
N CYS A 64 -7.08 -12.15 -1.50
CA CYS A 64 -5.88 -11.37 -1.28
C CYS A 64 -4.83 -11.80 -2.29
N ILE A 65 -4.31 -10.84 -3.05
CA ILE A 65 -3.33 -11.11 -4.10
C ILE A 65 -1.98 -10.49 -3.74
N LYS A 66 -0.97 -11.35 -3.59
CA LYS A 66 0.39 -10.90 -3.25
C LYS A 66 1.29 -10.95 -4.47
N VAL A 67 1.96 -9.84 -4.75
CA VAL A 67 2.76 -9.71 -5.96
C VAL A 67 4.25 -9.84 -5.63
N ILE A 68 4.89 -10.83 -6.26
CA ILE A 68 6.30 -11.11 -6.04
C ILE A 68 7.05 -11.01 -7.36
N GLU A 69 8.16 -10.26 -7.34
CA GLU A 69 8.97 -10.03 -8.54
C GLU A 69 10.45 -10.29 -8.26
N ASP A 70 11.24 -10.50 -9.32
CA ASP A 70 12.65 -10.88 -9.21
C ASP A 70 13.56 -9.83 -8.55
N LYS A 71 13.55 -8.61 -9.07
CA LYS A 71 14.46 -7.53 -8.65
C LYS A 71 15.87 -7.73 -9.21
N GLN A 75 14.76 -15.09 -13.98
CA GLN A 75 14.32 -13.73 -13.72
C GLN A 75 12.79 -13.56 -13.75
N SER A 76 12.16 -14.07 -14.80
CA SER A 76 10.71 -14.03 -14.91
C SER A 76 10.10 -15.17 -14.10
N PHE A 77 8.84 -15.00 -13.69
CA PHE A 77 8.13 -16.04 -12.96
C PHE A 77 7.29 -16.93 -13.84
N GLN A 78 7.27 -16.65 -15.15
CA GLN A 78 6.65 -17.57 -16.10
C GLN A 78 7.25 -18.94 -15.79
N ALA A 79 6.40 -19.97 -15.72
CA ALA A 79 6.84 -21.31 -15.31
C ALA A 79 6.70 -21.56 -13.82
N VAL A 80 6.06 -22.68 -13.50
CA VAL A 80 5.85 -23.10 -12.13
C VAL A 80 7.00 -24.00 -11.68
N THR A 81 7.58 -23.66 -10.54
CA THR A 81 8.66 -24.46 -9.94
C THR A 81 8.04 -25.55 -9.06
N ASP A 82 8.87 -26.52 -8.67
CA ASP A 82 8.41 -27.62 -7.82
C ASP A 82 8.06 -27.11 -6.43
N HIS A 83 8.74 -26.06 -5.99
CA HIS A 83 8.49 -25.45 -4.69
C HIS A 83 7.14 -24.71 -4.66
N MET A 84 6.74 -24.13 -5.79
CA MET A 84 5.44 -23.47 -5.91
C MET A 84 4.29 -24.45 -5.67
N LEU A 85 4.46 -25.69 -6.13
CA LEU A 85 3.45 -26.73 -5.90
C LEU A 85 3.43 -27.16 -4.44
N ALA A 86 4.62 -27.23 -3.84
CA ALA A 86 4.78 -27.60 -2.44
C ALA A 86 3.99 -26.64 -1.55
N ILE A 87 4.11 -25.34 -1.82
CA ILE A 87 3.31 -24.33 -1.15
C ILE A 87 1.82 -24.55 -1.43
N GLY A 88 1.49 -24.81 -2.69
CA GLY A 88 0.11 -24.97 -3.12
C GLY A 88 -0.66 -26.12 -2.49
N SER A 89 0.04 -27.22 -2.21
CA SER A 89 -0.58 -28.45 -1.72
C SER A 89 -1.15 -28.35 -0.30
N LEU A 90 -0.49 -27.55 0.54
CA LEU A 90 -0.78 -27.52 1.98
C LEU A 90 -2.18 -27.02 2.35
N ASP A 91 -2.77 -27.65 3.36
CA ASP A 91 -4.11 -27.33 3.86
C ASP A 91 -4.29 -27.78 5.32
N HIS A 92 -4.48 -26.81 6.21
CA HIS A 92 -4.69 -27.08 7.64
C HIS A 92 -5.56 -25.99 8.27
N ALA A 93 -6.33 -26.37 9.28
CA ALA A 93 -7.21 -25.44 9.99
C ALA A 93 -6.48 -24.21 10.55
N HIS A 94 -5.17 -24.33 10.77
CA HIS A 94 -4.38 -23.24 11.36
C HIS A 94 -3.34 -22.58 10.43
N ILE A 95 -3.36 -22.91 9.15
CA ILE A 95 -2.51 -22.23 8.16
C ILE A 95 -3.37 -21.47 7.16
N VAL A 96 -2.79 -20.46 6.52
CA VAL A 96 -3.52 -19.75 5.45
C VAL A 96 -3.26 -20.46 4.13
N ARG A 97 -4.27 -21.14 3.62
CA ARG A 97 -4.11 -21.93 2.40
C ARG A 97 -3.96 -21.05 1.16
N LEU A 98 -3.01 -21.41 0.31
CA LEU A 98 -2.88 -20.84 -1.02
C LEU A 98 -3.94 -21.46 -1.91
N LEU A 99 -4.94 -20.65 -2.28
CA LEU A 99 -6.02 -21.11 -3.15
C LEU A 99 -5.51 -21.32 -4.56
N GLY A 100 -4.58 -20.47 -5.00
CA GLY A 100 -4.06 -20.58 -6.35
C GLY A 100 -2.86 -19.72 -6.69
N LEU A 101 -2.39 -19.89 -7.95
CA LEU A 101 -1.17 -19.26 -8.41
C LEU A 101 -1.33 -18.71 -9.82
N CYS A 102 -0.75 -17.54 -10.06
CA CYS A 102 -0.81 -16.92 -11.39
C CYS A 102 0.58 -16.49 -11.86
N PRO A 103 1.19 -17.29 -12.76
CA PRO A 103 2.49 -16.94 -13.31
C PRO A 103 2.43 -15.76 -14.28
N GLY A 104 3.59 -15.15 -14.53
CA GLY A 104 3.72 -14.00 -15.40
C GLY A 104 5.06 -13.35 -15.09
N SER A 105 5.24 -12.11 -15.54
CA SER A 105 6.46 -11.35 -15.21
C SER A 105 6.68 -11.31 -13.70
N SER A 106 5.59 -11.14 -12.97
CA SER A 106 5.58 -11.28 -11.53
C SER A 106 4.75 -12.51 -11.16
N LEU A 107 5.07 -13.11 -10.03
CA LEU A 107 4.28 -14.19 -9.49
C LEU A 107 3.18 -13.62 -8.61
N GLN A 108 1.96 -14.08 -8.82
CA GLN A 108 0.83 -13.61 -8.04
C GLN A 108 0.29 -14.72 -7.16
N LEU A 109 0.49 -14.58 -5.85
CA LEU A 109 -0.01 -15.56 -4.91
C LEU A 109 -1.39 -15.14 -4.40
N VAL A 110 -2.36 -16.03 -4.51
CA VAL A 110 -3.75 -15.73 -4.21
C VAL A 110 -4.25 -16.51 -3.00
N THR A 111 -4.59 -15.79 -1.94
CA THR A 111 -5.13 -16.41 -0.73
C THR A 111 -6.48 -15.77 -0.40
N GLN A 112 -7.17 -16.34 0.59
CA GLN A 112 -8.43 -15.76 1.06
C GLN A 112 -8.14 -14.50 1.87
N TYR A 113 -9.07 -13.56 1.86
CA TYR A 113 -8.91 -12.27 2.55
C TYR A 113 -9.48 -12.34 3.95
N LEU A 114 -8.67 -11.95 4.93
CA LEU A 114 -9.05 -12.02 6.34
C LEU A 114 -9.16 -10.62 6.94
N PRO A 115 -10.39 -10.05 6.96
CA PRO A 115 -10.60 -8.64 7.33
C PRO A 115 -10.05 -8.29 8.71
N LEU A 116 -10.03 -9.28 9.61
CA LEU A 116 -9.54 -9.08 10.98
C LEU A 116 -8.03 -8.83 11.03
N GLY A 117 -7.32 -9.24 9.98
CA GLY A 117 -5.91 -8.88 9.81
C GLY A 117 -4.92 -9.56 10.75
N SER A 118 -3.80 -8.88 10.98
CA SER A 118 -2.65 -9.43 11.70
C SER A 118 -2.86 -9.64 13.19
N LEU A 119 -2.21 -10.67 13.72
CA LEU A 119 -2.18 -10.95 15.14
C LEU A 119 -1.37 -9.88 15.88
N LEU A 120 -0.32 -9.40 15.21
CA LEU A 120 0.56 -8.35 15.73
C LEU A 120 -0.20 -7.05 16.00
N ASP A 121 -0.89 -6.55 14.97
CA ASP A 121 -1.68 -5.33 15.10
C ASP A 121 -2.91 -5.53 16.00
N HIS A 122 -3.28 -6.79 16.21
CA HIS A 122 -4.41 -7.13 17.06
C HIS A 122 -4.06 -6.99 18.53
N VAL A 123 -2.95 -7.61 18.94
CA VAL A 123 -2.50 -7.55 20.33
C VAL A 123 -2.16 -6.13 20.76
N ARG A 124 -1.60 -5.34 19.84
CA ARG A 124 -1.32 -3.93 20.09
C ARG A 124 -2.59 -3.16 20.45
N GLN A 125 -3.64 -3.37 19.66
CA GLN A 125 -4.88 -2.60 19.77
C GLN A 125 -5.70 -2.97 21.00
N HIS A 126 -5.72 -4.25 21.35
CA HIS A 126 -6.52 -4.73 22.47
C HIS A 126 -5.70 -5.03 23.72
N ARG A 127 -4.45 -5.46 23.52
CA ARG A 127 -3.45 -5.66 24.59
C ARG A 127 -3.86 -6.65 25.67
N GLY A 128 -3.75 -6.21 26.93
CA GLY A 128 -4.05 -7.04 28.10
C GLY A 128 -5.51 -7.39 28.28
N ALA A 129 -6.38 -6.61 27.63
CA ALA A 129 -7.82 -6.84 27.66
C ALA A 129 -8.20 -8.23 27.16
N LEU A 130 -7.34 -8.78 26.30
CA LEU A 130 -7.50 -10.14 25.76
C LEU A 130 -7.51 -11.20 26.86
N GLY A 131 -8.23 -12.29 26.62
CA GLY A 131 -8.32 -13.38 27.58
C GLY A 131 -6.99 -14.09 27.76
N PRO A 132 -6.57 -14.30 29.03
CA PRO A 132 -5.35 -15.06 29.32
C PRO A 132 -5.50 -16.49 28.80
N GLN A 133 -6.74 -16.96 28.74
CA GLN A 133 -7.12 -18.22 28.14
C GLN A 133 -7.01 -18.13 26.63
N LEU A 134 -7.60 -17.07 26.08
CA LEU A 134 -7.65 -16.82 24.64
C LEU A 134 -6.25 -16.60 24.05
N LEU A 135 -5.37 -16.01 24.85
CA LEU A 135 -4.02 -15.71 24.41
C LEU A 135 -3.13 -16.96 24.41
N LEU A 136 -3.41 -17.89 25.32
CA LEU A 136 -2.71 -19.18 25.34
C LEU A 136 -3.10 -20.06 24.15
N ASN A 137 -4.40 -20.14 23.89
CA ASN A 137 -4.94 -20.89 22.76
C ASN A 137 -4.23 -20.58 21.44
N TRP A 138 -3.84 -19.32 21.27
CA TRP A 138 -3.14 -18.88 20.06
C TRP A 138 -1.73 -19.44 19.95
N GLY A 139 -1.06 -19.59 21.08
CA GLY A 139 0.24 -20.26 21.13
C GLY A 139 0.09 -21.69 20.63
N VAL A 140 -0.99 -22.34 21.06
CA VAL A 140 -1.31 -23.71 20.67
C VAL A 140 -1.66 -23.79 19.19
N GLN A 141 -2.49 -22.86 18.75
CA GLN A 141 -3.00 -22.85 17.38
C GLN A 141 -1.89 -22.62 16.35
N ILE A 142 -0.93 -21.77 16.71
CA ILE A 142 0.22 -21.49 15.86
C ILE A 142 1.11 -22.74 15.74
N ALA A 143 1.41 -23.36 16.88
CA ALA A 143 2.24 -24.55 16.96
C ALA A 143 1.68 -25.73 16.16
N LYS A 144 0.36 -25.89 16.20
CA LYS A 144 -0.34 -26.93 15.43
C LYS A 144 -0.14 -26.76 13.93
N GLY A 145 -0.21 -25.51 13.47
CA GLY A 145 0.00 -25.17 12.07
C GLY A 145 1.44 -25.42 11.64
N MET A 146 2.39 -24.89 12.40
CA MET A 146 3.81 -25.11 12.15
C MET A 146 4.18 -26.59 12.19
N TYR A 147 3.45 -27.34 13.01
CA TYR A 147 3.57 -28.79 13.02
C TYR A 147 3.13 -29.36 11.67
N TYR A 148 1.97 -28.91 11.18
CA TYR A 148 1.47 -29.36 9.87
C TYR A 148 2.49 -29.08 8.77
N LEU A 149 3.12 -27.91 8.85
CA LEU A 149 4.16 -27.54 7.91
C LEU A 149 5.39 -28.42 8.06
N GLU A 150 5.78 -28.68 9.31
CA GLU A 150 6.92 -29.54 9.59
C GLU A 150 6.69 -30.95 9.03
N GLU A 151 5.47 -31.44 9.21
CA GLU A 151 5.08 -32.78 8.77
C GLU A 151 5.24 -32.98 7.27
N HIS A 152 4.83 -31.99 6.49
CA HIS A 152 4.96 -32.07 5.04
C HIS A 152 6.28 -31.50 4.55
N GLY A 153 7.21 -31.32 5.49
CA GLY A 153 8.60 -30.96 5.19
C GLY A 153 8.76 -29.56 4.66
N MET A 154 7.86 -28.66 5.07
CA MET A 154 7.84 -27.28 4.61
C MET A 154 8.43 -26.33 5.65
N VAL A 155 9.52 -25.66 5.26
CA VAL A 155 10.16 -24.66 6.11
C VAL A 155 9.57 -23.30 5.80
N HIS A 156 8.97 -22.68 6.81
CA HIS A 156 8.33 -21.37 6.66
C HIS A 156 9.34 -20.27 6.32
N ARG A 157 10.40 -20.18 7.13
CA ARG A 157 11.54 -19.29 6.90
C ARG A 157 11.28 -17.79 7.16
N ASN A 158 10.06 -17.45 7.59
CA ASN A 158 9.72 -16.07 7.91
C ASN A 158 8.60 -15.98 8.95
N LEU A 159 8.60 -16.87 9.94
CA LEU A 159 7.57 -16.84 10.95
C LEU A 159 7.72 -15.59 11.82
N ALA A 160 6.59 -14.95 12.11
CA ALA A 160 6.54 -13.73 12.93
C ALA A 160 5.08 -13.41 13.25
N ALA A 161 4.85 -12.40 14.08
CA ALA A 161 3.49 -12.02 14.46
C ALA A 161 2.74 -11.32 13.33
N ARG A 162 3.48 -10.57 12.51
CA ARG A 162 2.95 -9.99 11.28
C ARG A 162 2.40 -11.06 10.34
N ASN A 163 3.01 -12.24 10.39
CA ASN A 163 2.64 -13.35 9.53
C ASN A 163 1.53 -14.25 10.07
N VAL A 164 1.26 -14.18 11.37
CA VAL A 164 0.08 -14.85 11.92
C VAL A 164 -1.15 -13.96 11.72
N LEU A 165 -2.22 -14.53 11.16
CA LEU A 165 -3.44 -13.77 10.83
C LEU A 165 -4.70 -14.34 11.48
N LEU A 166 -5.68 -13.46 11.69
CA LEU A 166 -6.96 -13.84 12.30
C LEU A 166 -7.99 -14.27 11.25
N LYS A 167 -8.35 -15.55 11.29
CA LYS A 167 -9.43 -16.07 10.45
C LYS A 167 -10.77 -15.79 11.13
N SER A 168 -10.76 -15.82 12.46
CA SER A 168 -11.95 -15.69 13.29
C SER A 168 -11.53 -15.00 14.59
N PRO A 169 -12.47 -14.34 15.29
CA PRO A 169 -12.09 -13.65 16.53
C PRO A 169 -11.25 -14.50 17.48
N SER A 170 -11.52 -15.81 17.50
CA SER A 170 -10.76 -16.75 18.32
C SER A 170 -9.79 -17.62 17.51
N GLN A 171 -9.83 -17.53 16.19
CA GLN A 171 -9.05 -18.44 15.34
C GLN A 171 -7.95 -17.76 14.52
N VAL A 172 -6.74 -18.32 14.61
CA VAL A 172 -5.58 -17.79 13.89
C VAL A 172 -4.98 -18.80 12.91
N GLN A 173 -4.30 -18.26 11.88
CA GLN A 173 -3.68 -19.06 10.85
C GLN A 173 -2.31 -18.52 10.47
N VAL A 174 -1.32 -19.41 10.33
CA VAL A 174 0.02 -19.03 9.90
C VAL A 174 0.02 -18.70 8.40
N ALA A 175 0.59 -17.55 8.06
CA ALA A 175 0.65 -17.10 6.67
C ALA A 175 2.10 -16.97 6.19
N ASP A 176 2.27 -16.76 4.88
CA ASP A 176 3.55 -16.44 4.26
C ASP A 176 4.65 -17.50 4.32
N PHE A 177 4.27 -18.76 4.47
CA PHE A 177 5.24 -19.86 4.51
C PHE A 177 5.91 -20.11 3.17
N GLY A 178 7.23 -20.21 3.21
CA GLY A 178 8.05 -20.60 2.07
C GLY A 178 8.19 -19.61 0.93
N VAL A 179 7.68 -18.38 1.13
CA VAL A 179 7.82 -17.33 0.12
C VAL A 179 9.30 -17.04 -0.15
N ALA A 180 10.10 -17.03 0.92
CA ALA A 180 11.53 -16.75 0.82
C ALA A 180 12.26 -17.64 -0.17
N ASP A 181 11.90 -18.92 -0.20
CA ASP A 181 12.54 -19.88 -1.09
C ASP A 181 12.08 -19.79 -2.56
N LEU A 182 11.26 -18.78 -2.88
CA LEU A 182 10.86 -18.53 -4.27
C LEU A 182 11.88 -17.66 -5.01
N LEU A 183 12.73 -16.99 -4.26
CA LEU A 183 13.64 -15.96 -4.79
C LEU A 183 15.10 -16.37 -4.58
N PRO A 184 15.97 -16.04 -5.55
CA PRO A 184 17.41 -16.31 -5.42
C PRO A 184 18.03 -15.68 -4.17
N PRO A 185 19.05 -16.34 -3.57
CA PRO A 185 19.71 -15.82 -2.37
C PRO A 185 20.15 -14.35 -2.53
N ASP A 186 19.45 -13.44 -1.85
CA ASP A 186 19.66 -11.99 -2.01
C ASP A 186 19.49 -11.22 -0.71
N ASP A 187 20.26 -10.13 -0.58
CA ASP A 187 20.15 -9.20 0.55
C ASP A 187 20.94 -7.92 0.28
N THR A 197 12.89 -6.16 9.58
CA THR A 197 14.07 -6.90 9.19
C THR A 197 14.04 -8.30 9.83
N PRO A 198 13.70 -9.34 9.03
CA PRO A 198 13.59 -10.73 9.48
C PRO A 198 14.74 -11.20 10.37
N ILE A 199 15.85 -10.48 10.35
CA ILE A 199 17.03 -10.82 11.16
C ILE A 199 16.74 -10.91 12.66
N LYS A 200 15.79 -10.10 13.14
CA LYS A 200 15.37 -10.15 14.54
C LYS A 200 14.56 -11.41 14.85
N TRP A 201 14.23 -12.17 13.80
CA TRP A 201 13.44 -13.39 13.93
C TRP A 201 14.20 -14.64 13.54
N MET A 202 15.46 -14.47 13.13
CA MET A 202 16.26 -15.59 12.65
C MET A 202 17.09 -16.24 13.75
N ALA A 203 17.22 -17.56 13.65
CA ALA A 203 18.13 -18.33 14.49
C ALA A 203 19.56 -17.94 14.12
N LEU A 204 20.46 -18.04 15.09
CA LEU A 204 21.85 -17.60 14.92
C LEU A 204 22.55 -18.28 13.74
N GLU A 205 22.29 -19.56 13.54
CA GLU A 205 22.90 -20.30 12.42
C GLU A 205 22.34 -19.86 11.06
N SER A 206 21.10 -19.37 11.06
CA SER A 206 20.48 -18.80 9.86
C SER A 206 21.17 -17.49 9.49
N ILE A 207 21.55 -16.73 10.51
CA ILE A 207 22.24 -15.46 10.31
C ILE A 207 23.68 -15.73 9.83
N HIS A 208 24.33 -16.68 10.50
CA HIS A 208 25.72 -17.04 10.20
C HIS A 208 25.92 -17.83 8.91
N PHE A 209 25.11 -18.87 8.69
CA PHE A 209 25.33 -19.79 7.58
C PHE A 209 24.29 -19.67 6.46
N GLY A 210 23.32 -18.77 6.64
CA GLY A 210 22.22 -18.65 5.68
C GLY A 210 21.55 -20.00 5.53
N LYS A 211 21.42 -20.71 6.66
CA LYS A 211 20.87 -22.05 6.68
C LYS A 211 19.55 -22.07 7.45
N TYR A 212 18.52 -22.62 6.82
CA TYR A 212 17.19 -22.66 7.41
C TYR A 212 16.67 -24.08 7.51
N THR A 213 16.17 -24.42 8.69
CA THR A 213 15.64 -25.75 8.97
C THR A 213 14.27 -25.62 9.61
N HIS A 214 13.67 -26.76 9.97
CA HIS A 214 12.45 -26.76 10.77
C HIS A 214 12.76 -26.18 12.15
N GLN A 215 13.96 -26.48 12.64
CA GLN A 215 14.46 -26.05 13.93
C GLN A 215 14.67 -24.55 13.97
N SER A 216 15.13 -23.97 12.86
CA SER A 216 15.36 -22.53 12.77
C SER A 216 14.06 -21.76 12.94
N ASP A 217 12.97 -22.29 12.37
CA ASP A 217 11.65 -21.71 12.53
C ASP A 217 11.21 -21.74 13.99
N VAL A 218 11.57 -22.82 14.69
CA VAL A 218 11.28 -22.96 16.12
C VAL A 218 11.74 -21.72 16.89
N TRP A 219 12.95 -21.25 16.57
CA TRP A 219 13.49 -20.00 17.11
C TRP A 219 12.52 -18.85 16.84
N SER A 220 12.05 -18.77 15.59
CA SER A 220 11.15 -17.71 15.14
C SER A 220 9.81 -17.78 15.85
N TYR A 221 9.33 -18.99 16.09
CA TYR A 221 8.16 -19.24 16.92
C TYR A 221 8.35 -18.62 18.31
N GLY A 222 9.57 -18.71 18.83
CA GLY A 222 9.90 -18.17 20.14
C GLY A 222 9.69 -16.67 20.21
N VAL A 223 10.36 -15.95 19.31
CA VAL A 223 10.23 -14.50 19.20
C VAL A 223 8.77 -14.11 18.95
N THR A 224 8.06 -14.93 18.20
CA THR A 224 6.63 -14.72 17.94
C THR A 224 5.84 -14.72 19.24
N VAL A 225 5.85 -15.85 19.95
CA VAL A 225 5.19 -15.99 21.24
C VAL A 225 5.55 -14.80 22.15
N TRP A 226 6.83 -14.47 22.18
CA TRP A 226 7.33 -13.29 22.87
C TRP A 226 6.56 -12.02 22.47
N GLU A 227 6.48 -11.75 21.17
CA GLU A 227 5.76 -10.59 20.66
C GLU A 227 4.37 -10.54 21.27
N LEU A 228 3.67 -11.68 21.26
CA LEU A 228 2.32 -11.77 21.80
C LEU A 228 2.29 -11.41 23.28
N MET A 229 3.12 -12.10 24.06
CA MET A 229 3.14 -11.91 25.51
C MET A 229 3.47 -10.46 25.89
N THR A 230 4.15 -9.75 25.00
CA THR A 230 4.47 -8.34 25.22
C THR A 230 3.41 -7.39 24.62
N PHE A 231 2.28 -7.96 24.22
CA PHE A 231 1.21 -7.22 23.54
C PHE A 231 1.72 -6.45 22.33
N GLY A 232 2.61 -7.10 21.58
CA GLY A 232 3.11 -6.58 20.32
C GLY A 232 4.32 -5.69 20.40
N ALA A 233 5.15 -5.87 21.42
CA ALA A 233 6.38 -5.10 21.54
C ALA A 233 7.37 -5.46 20.44
N GLU A 234 8.16 -4.48 20.02
CA GLU A 234 9.17 -4.66 18.99
C GLU A 234 10.39 -5.38 19.57
N PRO A 235 10.75 -6.55 19.00
CA PRO A 235 11.90 -7.33 19.49
C PRO A 235 13.24 -6.63 19.29
N TYR A 236 14.05 -6.60 20.35
CA TYR A 236 15.36 -5.93 20.34
C TYR A 236 15.25 -4.43 20.03
N ALA A 237 14.27 -3.80 20.66
CA ALA A 237 13.93 -2.40 20.41
C ALA A 237 15.10 -1.44 20.63
N GLY A 238 15.26 -0.49 19.71
CA GLY A 238 16.25 0.57 19.82
C GLY A 238 17.69 0.09 19.91
N LEU A 239 18.02 -0.95 19.16
CA LEU A 239 19.38 -1.48 19.09
C LEU A 239 19.82 -1.59 17.63
N ARG A 240 21.13 -1.49 17.41
CA ARG A 240 21.69 -1.63 16.06
C ARG A 240 21.67 -3.09 15.60
N LEU A 241 21.33 -3.29 14.34
CA LEU A 241 21.20 -4.63 13.75
C LEU A 241 22.51 -5.43 13.75
N ALA A 242 23.62 -4.74 13.51
CA ALA A 242 24.94 -5.36 13.53
C ALA A 242 25.23 -5.94 14.90
N GLU A 243 24.74 -5.26 15.93
CA GLU A 243 24.92 -5.67 17.32
C GLU A 243 24.15 -6.95 17.67
N VAL A 244 22.98 -7.11 17.08
CA VAL A 244 22.06 -8.20 17.46
C VAL A 244 22.67 -9.61 17.52
N PRO A 245 23.46 -10.01 16.50
CA PRO A 245 24.13 -11.31 16.65
C PRO A 245 24.97 -11.42 17.94
N ASP A 246 25.68 -10.35 18.30
CA ASP A 246 26.53 -10.33 19.49
C ASP A 246 25.76 -10.58 20.78
N LEU A 247 24.70 -9.81 21.01
CA LEU A 247 23.93 -9.85 22.25
C LEU A 247 23.42 -11.23 22.63
N LEU A 248 22.74 -11.89 21.70
CA LEU A 248 22.18 -13.22 21.91
C LEU A 248 23.26 -14.30 21.89
N GLU A 249 24.38 -14.00 21.25
CA GLU A 249 25.55 -14.86 21.25
C GLU A 249 26.20 -14.81 22.64
N LYS A 250 26.24 -13.61 23.23
CA LYS A 250 26.69 -13.44 24.62
C LYS A 250 25.70 -14.12 25.56
N GLY A 251 24.53 -14.46 25.02
CA GLY A 251 23.51 -15.19 25.74
C GLY A 251 22.70 -14.35 26.70
N GLU A 252 22.52 -13.06 26.38
CA GLU A 252 21.66 -12.21 27.20
C GLU A 252 20.20 -12.44 26.83
N ARG A 253 19.94 -12.63 25.53
CA ARG A 253 18.63 -12.99 24.99
C ARG A 253 17.51 -11.99 25.31
N LEU A 254 16.28 -12.32 24.90
CA LEU A 254 15.11 -11.48 25.10
C LEU A 254 14.77 -11.37 26.58
N ALA A 255 14.21 -10.22 26.97
CA ALA A 255 13.75 -10.01 28.34
C ALA A 255 12.53 -10.87 28.65
N GLN A 256 12.29 -11.10 29.94
CA GLN A 256 11.09 -11.80 30.39
C GLN A 256 9.89 -10.87 30.27
N PRO A 257 8.86 -11.28 29.51
CA PRO A 257 7.66 -10.46 29.32
C PRO A 257 6.88 -10.31 30.61
N GLN A 258 6.37 -9.10 30.82
CA GLN A 258 5.72 -8.67 32.06
C GLN A 258 4.66 -9.64 32.59
N ILE A 259 3.90 -10.23 31.68
CA ILE A 259 2.76 -11.08 32.06
C ILE A 259 3.05 -12.58 32.14
N CYS A 260 4.32 -12.96 31.95
CA CYS A 260 4.69 -14.37 31.89
C CYS A 260 5.39 -14.90 33.14
N THR A 261 4.90 -16.03 33.64
CA THR A 261 5.56 -16.76 34.72
C THR A 261 6.79 -17.47 34.16
N ILE A 262 7.77 -17.73 35.00
CA ILE A 262 9.02 -18.37 34.56
C ILE A 262 8.79 -19.65 33.74
N ASP A 263 7.68 -20.35 34.01
CA ASP A 263 7.32 -21.57 33.27
C ASP A 263 7.02 -21.32 31.79
N VAL A 264 6.27 -20.24 31.50
CA VAL A 264 5.95 -19.88 30.11
C VAL A 264 7.17 -19.23 29.45
N TYR A 265 7.96 -18.51 30.24
CA TYR A 265 9.17 -17.85 29.71
C TYR A 265 10.23 -18.85 29.27
N MET A 266 10.41 -19.92 30.03
CA MET A 266 11.41 -20.94 29.72
C MET A 266 11.09 -21.69 28.42
N VAL A 267 9.80 -21.82 28.12
CA VAL A 267 9.34 -22.37 26.84
C VAL A 267 10.02 -21.65 25.69
N MET A 268 9.97 -20.32 25.75
CA MET A 268 10.60 -19.45 24.76
C MET A 268 12.13 -19.58 24.76
N VAL A 269 12.71 -19.67 25.96
CA VAL A 269 14.18 -19.71 26.12
C VAL A 269 14.79 -20.94 25.44
N LYS A 270 14.06 -22.05 25.49
CA LYS A 270 14.49 -23.29 24.83
C LYS A 270 14.49 -23.17 23.31
N CYS A 271 13.65 -22.29 22.78
CA CYS A 271 13.61 -22.02 21.34
C CYS A 271 14.86 -21.31 20.84
N TRP A 272 15.55 -20.63 21.75
CA TRP A 272 16.70 -19.82 21.37
C TRP A 272 18.04 -20.44 21.81
N MET A 273 18.01 -21.73 22.10
CA MET A 273 19.22 -22.47 22.43
C MET A 273 20.10 -22.63 21.20
N ILE A 274 21.39 -22.32 21.34
CA ILE A 274 22.32 -22.35 20.21
C ILE A 274 22.30 -23.70 19.49
N ASP A 275 22.33 -24.80 20.24
CA ASP A 275 22.16 -26.12 19.64
C ASP A 275 20.70 -26.36 19.27
N GLU A 276 20.49 -26.71 18.00
CA GLU A 276 19.16 -26.90 17.44
C GLU A 276 18.54 -28.22 17.88
N ASN A 277 19.40 -29.21 18.12
CA ASN A 277 18.96 -30.55 18.51
C ASN A 277 18.49 -30.63 19.95
N ILE A 278 18.51 -29.49 20.64
CA ILE A 278 17.99 -29.37 22.01
C ILE A 278 16.82 -28.39 22.08
N ARG A 279 16.64 -27.62 20.99
CA ARG A 279 15.45 -26.77 20.82
C ARG A 279 14.22 -27.67 20.72
N PRO A 280 13.07 -27.22 21.26
CA PRO A 280 11.89 -28.08 21.26
C PRO A 280 11.29 -28.24 19.87
N THR A 281 10.64 -29.38 19.65
CA THR A 281 9.90 -29.61 18.43
C THR A 281 8.55 -28.92 18.56
N PHE A 282 7.87 -28.69 17.43
CA PHE A 282 6.53 -28.11 17.45
C PHE A 282 5.52 -29.04 18.10
N LYS A 283 5.80 -30.34 18.08
CA LYS A 283 5.02 -31.34 18.83
C LYS A 283 4.95 -30.95 20.29
N GLU A 284 6.12 -30.84 20.91
CA GLU A 284 6.25 -30.55 22.34
C GLU A 284 5.72 -29.18 22.70
N LEU A 285 5.88 -28.23 21.78
CA LEU A 285 5.40 -26.86 21.97
C LEU A 285 3.88 -26.80 22.01
N ALA A 286 3.24 -27.63 21.20
CA ALA A 286 1.79 -27.78 21.21
C ALA A 286 1.32 -28.42 22.51
N ASN A 287 2.18 -29.25 23.10
CA ASN A 287 1.89 -29.93 24.36
C ASN A 287 1.94 -28.98 25.55
N GLU A 288 3.06 -28.25 25.68
CA GLU A 288 3.29 -27.38 26.83
C GLU A 288 2.25 -26.28 26.96
N PHE A 289 1.85 -25.70 25.82
CA PHE A 289 0.85 -24.64 25.80
C PHE A 289 -0.56 -25.14 26.10
N THR A 290 -0.93 -26.29 25.51
CA THR A 290 -2.25 -26.87 25.76
C THR A 290 -2.39 -27.33 27.22
N ARG A 291 -1.26 -27.72 27.82
CA ARG A 291 -1.18 -28.13 29.22
C ARG A 291 -1.43 -26.94 30.13
N MET A 292 -0.92 -25.78 29.73
CA MET A 292 -1.09 -24.53 30.44
C MET A 292 -2.50 -23.97 30.22
N ALA A 293 -3.06 -24.26 29.06
CA ALA A 293 -4.39 -23.79 28.66
C ALA A 293 -5.52 -24.36 29.53
N ARG A 294 -5.25 -25.47 30.20
CA ARG A 294 -6.21 -26.12 31.09
C ARG A 294 -6.53 -25.22 32.28
N ASP A 295 -5.49 -24.67 32.92
CA ASP A 295 -5.65 -23.68 33.97
C ASP A 295 -4.94 -22.39 33.55
N PRO A 296 -5.66 -21.51 32.81
CA PRO A 296 -5.06 -20.31 32.21
C PRO A 296 -4.33 -19.33 33.14
N PRO A 297 -4.97 -18.86 34.24
CA PRO A 297 -4.34 -17.76 34.99
C PRO A 297 -3.16 -18.20 35.88
N ARG A 298 -2.91 -19.51 35.97
CA ARG A 298 -1.77 -20.04 36.72
C ARG A 298 -0.46 -19.71 36.01
N TYR A 299 -0.49 -19.65 34.69
CA TYR A 299 0.72 -19.50 33.88
C TYR A 299 0.90 -18.09 33.31
N LEU A 300 -0.18 -17.29 33.28
CA LEU A 300 -0.12 -15.89 32.86
C LEU A 300 -0.97 -14.99 33.77
N VAL A 301 -0.57 -13.72 33.89
CA VAL A 301 -1.27 -12.78 34.79
C VAL A 301 -1.19 -11.32 34.32
N ILE A 302 -2.35 -10.65 34.33
CA ILE A 302 -2.46 -9.21 34.03
C ILE A 302 -1.51 -8.35 34.88
N VAL B 23 8.22 12.55 -28.26
CA VAL B 23 8.33 13.99 -28.61
C VAL B 23 9.21 14.79 -27.62
N LEU B 24 9.96 14.16 -26.72
CA LEU B 24 10.19 12.71 -26.64
C LEU B 24 10.14 12.20 -25.18
N ALA B 25 10.07 10.89 -24.98
CA ALA B 25 10.09 10.31 -23.62
C ALA B 25 11.17 9.23 -23.43
N ARG B 26 11.83 9.26 -22.27
CA ARG B 26 12.89 8.31 -21.94
C ARG B 26 12.35 6.94 -21.54
N ILE B 27 13.15 5.91 -21.80
CA ILE B 27 12.75 4.54 -21.44
C ILE B 27 13.74 3.83 -20.50
N PHE B 28 13.19 3.21 -19.47
CA PHE B 28 13.95 2.54 -18.42
C PHE B 28 14.02 1.03 -18.64
N LYS B 29 15.14 0.44 -18.23
CA LYS B 29 15.27 -1.02 -18.19
C LYS B 29 14.73 -1.51 -16.85
N GLU B 30 14.19 -2.73 -16.83
CA GLU B 30 13.69 -3.34 -15.59
C GLU B 30 14.78 -3.29 -14.52
N THR B 31 16.02 -3.56 -14.94
CA THR B 31 17.17 -3.69 -14.06
C THR B 31 17.64 -2.37 -13.44
N GLU B 32 17.14 -1.25 -13.96
CA GLU B 32 17.49 0.07 -13.43
C GLU B 32 16.64 0.43 -12.22
N LEU B 33 15.43 -0.12 -12.15
CA LEU B 33 14.47 0.22 -11.11
C LEU B 33 14.37 -0.86 -10.04
N ARG B 34 14.23 -0.42 -8.79
CA ARG B 34 13.93 -1.32 -7.69
C ARG B 34 12.86 -0.72 -6.79
N LYS B 35 11.97 -1.57 -6.31
CA LYS B 35 10.87 -1.16 -5.44
C LYS B 35 11.19 -1.48 -3.99
N LEU B 36 11.02 -0.49 -3.11
CA LEU B 36 11.39 -0.65 -1.70
C LEU B 36 10.17 -0.81 -0.79
N LYS B 37 9.23 0.11 -0.91
CA LYS B 37 8.04 0.14 -0.05
C LYS B 37 6.86 0.64 -0.87
N VAL B 38 5.70 0.04 -0.70
CA VAL B 38 4.49 0.56 -1.31
C VAL B 38 3.98 1.76 -0.50
N LEU B 39 3.58 2.82 -1.20
CA LEU B 39 3.04 4.01 -0.56
C LEU B 39 1.53 3.94 -0.49
N GLY B 40 0.91 3.54 -1.60
CA GLY B 40 -0.54 3.41 -1.70
C GLY B 40 -0.98 3.20 -3.14
N SER B 41 -2.29 3.19 -3.36
CA SER B 41 -2.84 3.02 -4.71
C SER B 41 -4.12 3.84 -4.89
N GLY B 42 -4.44 4.16 -6.14
CA GLY B 42 -5.65 4.90 -6.46
C GLY B 42 -6.61 4.11 -7.34
N VAL B 43 -7.25 4.80 -8.29
CA VAL B 43 -8.18 4.15 -9.22
C VAL B 43 -7.47 3.49 -10.40
N PHE B 44 -6.29 3.98 -10.74
CA PHE B 44 -5.60 3.55 -11.95
C PHE B 44 -4.38 2.66 -11.74
N GLY B 45 -3.67 2.86 -10.64
CA GLY B 45 -2.42 2.15 -10.42
C GLY B 45 -1.96 2.04 -8.98
N THR B 46 -0.68 1.71 -8.81
CA THR B 46 -0.09 1.49 -7.50
C THR B 46 1.27 2.17 -7.43
N VAL B 47 1.49 2.96 -6.38
CA VAL B 47 2.71 3.75 -6.26
C VAL B 47 3.64 3.18 -5.19
N HIS B 48 4.87 2.89 -5.60
CA HIS B 48 5.88 2.33 -4.70
C HIS B 48 7.05 3.30 -4.54
N LYS B 49 7.47 3.51 -3.29
CA LYS B 49 8.72 4.21 -3.00
C LYS B 49 9.85 3.31 -3.47
N GLY B 50 10.66 3.82 -4.37
CA GLY B 50 11.72 3.03 -4.96
C GLY B 50 13.04 3.75 -5.10
N VAL B 51 13.95 3.10 -5.81
CA VAL B 51 15.26 3.66 -6.10
C VAL B 51 15.60 3.32 -7.54
N TRP B 52 16.15 4.27 -8.27
CA TRP B 52 16.67 4.02 -9.60
C TRP B 52 18.20 3.92 -9.54
N ILE B 53 18.73 2.79 -10.01
CA ILE B 53 20.18 2.55 -10.06
C ILE B 53 20.67 2.39 -11.51
N PRO B 54 21.03 3.52 -12.16
CA PRO B 54 21.52 3.48 -13.54
C PRO B 54 22.81 2.67 -13.66
N GLY B 56 24.84 0.88 -16.52
CA GLY B 56 25.66 1.93 -15.90
C GLY B 56 26.37 1.46 -14.64
N GLU B 57 26.43 2.33 -13.64
CA GLU B 57 27.13 2.01 -12.38
C GLU B 57 26.25 2.15 -11.15
N SER B 58 26.85 1.94 -9.98
CA SER B 58 26.12 1.89 -8.72
C SER B 58 25.94 3.25 -8.08
N ILE B 59 24.68 3.67 -8.00
CA ILE B 59 24.25 4.89 -7.32
C ILE B 59 22.74 4.84 -7.09
N LYS B 60 22.29 5.39 -5.97
CA LYS B 60 20.89 5.36 -5.61
C LYS B 60 20.22 6.73 -5.80
N ILE B 61 19.24 6.77 -6.69
CA ILE B 61 18.41 7.94 -6.88
C ILE B 61 17.01 7.61 -6.38
N PRO B 62 16.51 8.39 -5.39
CA PRO B 62 15.20 8.11 -4.84
C PRO B 62 14.12 8.48 -5.84
N VAL B 63 13.37 7.48 -6.31
CA VAL B 63 12.31 7.69 -7.29
C VAL B 63 10.98 7.08 -6.83
N CYS B 64 9.90 7.53 -7.47
CA CYS B 64 8.57 7.02 -7.19
C CYS B 64 8.10 6.23 -8.41
N ILE B 65 7.63 5.01 -8.20
CA ILE B 65 7.27 4.12 -9.30
C ILE B 65 5.79 3.76 -9.24
N LYS B 66 5.06 4.06 -10.31
CA LYS B 66 3.62 3.78 -10.37
C LYS B 66 3.35 2.62 -11.33
N VAL B 67 2.70 1.58 -10.81
CA VAL B 67 2.42 0.38 -11.59
C VAL B 67 0.99 0.38 -12.11
N ILE B 68 0.85 0.35 -13.44
CA ILE B 68 -0.44 0.40 -14.11
C ILE B 68 -0.65 -0.86 -14.94
N GLU B 69 -1.81 -1.49 -14.75
CA GLU B 69 -2.13 -2.75 -15.43
C GLU B 69 -3.49 -2.64 -16.12
N ASP B 70 -3.67 -3.40 -17.21
CA ASP B 70 -4.98 -3.54 -17.83
C ASP B 70 -5.78 -4.54 -17.00
N LYS B 71 -6.77 -4.03 -16.27
CA LYS B 71 -7.50 -4.83 -15.27
C LYS B 71 -8.37 -5.97 -15.84
N SER B 72 -8.45 -6.07 -17.17
CA SER B 72 -9.28 -7.09 -17.82
C SER B 72 -8.59 -8.45 -17.96
N GLN B 75 -4.56 -7.03 -22.25
CA GLN B 75 -3.70 -6.03 -22.89
C GLN B 75 -2.42 -5.82 -22.09
N SER B 76 -1.28 -6.12 -22.71
CA SER B 76 0.01 -5.87 -22.11
C SER B 76 0.48 -4.47 -22.47
N PHE B 77 1.32 -3.89 -21.64
CA PHE B 77 1.83 -2.54 -21.89
C PHE B 77 3.09 -2.52 -22.74
N GLN B 78 3.60 -3.71 -23.11
CA GLN B 78 4.70 -3.77 -24.07
C GLN B 78 4.34 -2.81 -25.19
N ALA B 79 5.34 -2.09 -25.70
CA ALA B 79 5.10 -1.08 -26.74
C ALA B 79 4.74 0.29 -26.19
N VAL B 80 5.36 1.29 -26.77
CA VAL B 80 5.15 2.68 -26.41
C VAL B 80 4.14 3.30 -27.37
N THR B 81 3.17 4.02 -26.83
CA THR B 81 2.20 4.75 -27.63
C THR B 81 2.52 6.23 -27.63
N ASP B 82 1.94 6.97 -28.59
CA ASP B 82 2.14 8.41 -28.74
C ASP B 82 1.65 9.22 -27.54
N HIS B 83 0.70 8.66 -26.81
CA HIS B 83 0.21 9.31 -25.59
C HIS B 83 1.21 9.18 -24.44
N MET B 84 2.01 8.12 -24.45
CA MET B 84 3.03 7.95 -23.43
C MET B 84 4.14 8.97 -23.64
N LEU B 85 4.49 9.21 -24.90
CA LEU B 85 5.44 10.26 -25.24
C LEU B 85 4.84 11.62 -24.90
N ALA B 86 3.55 11.79 -25.16
CA ALA B 86 2.82 13.02 -24.82
C ALA B 86 2.98 13.38 -23.33
N ILE B 87 2.75 12.40 -22.45
CA ILE B 87 2.98 12.58 -21.03
C ILE B 87 4.45 12.92 -20.78
N GLY B 88 5.33 12.02 -21.24
CA GLY B 88 6.76 12.10 -20.93
C GLY B 88 7.52 13.22 -21.62
N SER B 89 6.81 14.23 -22.13
CA SER B 89 7.42 15.35 -22.82
C SER B 89 7.36 16.64 -22.02
N LEU B 90 6.36 16.72 -21.15
CA LEU B 90 6.02 17.96 -20.47
C LEU B 90 6.98 18.26 -19.33
N ASP B 91 7.14 19.55 -19.03
CA ASP B 91 8.10 20.00 -18.03
C ASP B 91 7.81 21.45 -17.66
N HIS B 92 7.46 21.67 -16.39
CA HIS B 92 7.06 22.99 -15.88
C HIS B 92 7.22 23.01 -14.36
N ALA B 93 7.61 24.15 -13.82
CA ALA B 93 7.90 24.32 -12.39
C ALA B 93 6.79 23.82 -11.44
N HIS B 94 5.56 23.73 -11.95
CA HIS B 94 4.43 23.29 -11.13
C HIS B 94 3.72 22.06 -11.70
N ILE B 95 4.52 21.17 -12.27
CA ILE B 95 4.04 19.89 -12.76
C ILE B 95 5.03 18.84 -12.31
N VAL B 96 4.53 17.67 -11.91
CA VAL B 96 5.43 16.55 -11.61
C VAL B 96 5.84 15.91 -12.93
N ARG B 97 7.08 16.17 -13.36
CA ARG B 97 7.58 15.60 -14.62
C ARG B 97 7.76 14.09 -14.54
N LEU B 98 7.55 13.43 -15.67
CA LEU B 98 7.82 12.01 -15.81
C LEU B 98 9.29 11.86 -16.18
N LEU B 99 10.09 11.35 -15.24
CA LEU B 99 11.51 11.13 -15.50
C LEU B 99 11.68 10.09 -16.60
N GLY B 100 10.74 9.14 -16.64
CA GLY B 100 10.70 8.16 -17.70
C GLY B 100 9.69 7.08 -17.42
N LEU B 101 9.60 6.12 -18.33
CA LEU B 101 8.68 5.01 -18.19
C LEU B 101 9.33 3.68 -18.57
N CYS B 102 8.77 2.60 -18.02
CA CYS B 102 9.31 1.28 -18.24
C CYS B 102 8.21 0.34 -18.76
N PRO B 103 8.26 0.04 -20.07
CA PRO B 103 7.25 -0.82 -20.67
C PRO B 103 7.43 -2.23 -20.13
N GLY B 104 6.39 -3.04 -20.25
CA GLY B 104 6.44 -4.41 -19.74
C GLY B 104 5.06 -5.00 -19.72
N SER B 105 4.89 -6.08 -18.94
CA SER B 105 3.59 -6.70 -18.76
C SER B 105 2.64 -5.68 -18.16
N SER B 106 3.14 -4.95 -17.17
CA SER B 106 2.48 -3.77 -16.62
C SER B 106 3.33 -2.57 -16.97
N LEU B 107 2.68 -1.41 -17.12
CA LEU B 107 3.41 -0.17 -17.34
C LEU B 107 3.87 0.40 -16.01
N GLN B 108 5.11 0.86 -15.99
CA GLN B 108 5.68 1.49 -14.80
C GLN B 108 6.01 2.95 -15.11
N LEU B 109 5.37 3.85 -14.39
CA LEU B 109 5.65 5.28 -14.52
C LEU B 109 6.61 5.71 -13.43
N VAL B 110 7.68 6.38 -13.81
CA VAL B 110 8.72 6.78 -12.86
C VAL B 110 8.78 8.29 -12.78
N THR B 111 8.54 8.81 -11.58
CA THR B 111 8.69 10.24 -11.31
C THR B 111 9.54 10.41 -10.06
N GLN B 112 9.80 11.67 -9.70
CA GLN B 112 10.59 11.99 -8.51
C GLN B 112 9.79 11.74 -7.23
N TYR B 113 10.50 11.46 -6.14
CA TYR B 113 9.86 11.24 -4.83
C TYR B 113 9.73 12.53 -4.04
N LEU B 114 8.51 12.81 -3.60
CA LEU B 114 8.21 14.01 -2.86
C LEU B 114 7.73 13.63 -1.45
N PRO B 115 8.68 13.55 -0.50
CA PRO B 115 8.40 13.06 0.85
C PRO B 115 7.44 13.97 1.63
N LEU B 116 7.23 15.20 1.16
CA LEU B 116 6.28 16.11 1.79
C LEU B 116 4.82 15.66 1.59
N GLY B 117 4.62 14.68 0.71
CA GLY B 117 3.30 14.12 0.46
C GLY B 117 2.37 15.03 -0.31
N SER B 118 1.09 14.70 -0.32
CA SER B 118 0.09 15.44 -1.09
C SER B 118 -0.39 16.72 -0.37
N LEU B 119 -0.99 17.61 -1.15
CA LEU B 119 -1.56 18.84 -0.64
C LEU B 119 -2.72 18.57 0.29
N LEU B 120 -3.51 17.54 -0.05
CA LEU B 120 -4.67 17.15 0.73
C LEU B 120 -4.31 16.83 2.18
N ASP B 121 -3.44 15.84 2.37
CA ASP B 121 -2.97 15.45 3.70
C ASP B 121 -2.33 16.61 4.47
N HIS B 122 -1.70 17.51 3.72
CA HIS B 122 -1.02 18.68 4.30
C HIS B 122 -2.00 19.69 4.90
N VAL B 123 -3.06 20.02 4.16
CA VAL B 123 -4.09 20.94 4.66
C VAL B 123 -4.96 20.30 5.73
N ARG B 124 -5.12 18.97 5.67
CA ARG B 124 -5.84 18.24 6.72
C ARG B 124 -5.05 18.36 8.03
N GLN B 125 -3.74 18.18 7.93
CA GLN B 125 -2.85 18.20 9.10
C GLN B 125 -2.74 19.58 9.74
N HIS B 126 -2.53 20.61 8.93
CA HIS B 126 -2.26 21.96 9.46
C HIS B 126 -3.46 22.90 9.48
N ARG B 127 -4.30 22.82 8.46
CA ARG B 127 -5.53 23.62 8.37
C ARG B 127 -5.28 25.13 8.27
N GLY B 128 -6.03 25.91 9.05
CA GLY B 128 -5.95 27.37 9.06
C GLY B 128 -4.62 27.96 9.47
N ALA B 129 -3.82 27.14 10.16
CA ALA B 129 -2.47 27.52 10.58
C ALA B 129 -1.57 27.88 9.40
N LEU B 130 -1.94 27.41 8.21
CA LEU B 130 -1.27 27.77 6.96
C LEU B 130 -1.47 29.25 6.67
N GLY B 131 -0.59 29.80 5.82
CA GLY B 131 -0.73 31.17 5.37
C GLY B 131 -1.98 31.34 4.53
N PRO B 132 -2.78 32.39 4.80
CA PRO B 132 -3.90 32.70 3.91
C PRO B 132 -3.37 33.08 2.53
N GLN B 133 -2.15 33.63 2.50
CA GLN B 133 -1.48 33.95 1.26
C GLN B 133 -1.00 32.67 0.58
N LEU B 134 -0.61 31.69 1.39
CA LEU B 134 -0.15 30.41 0.90
C LEU B 134 -1.29 29.63 0.25
N LEU B 135 -2.48 29.68 0.85
CA LEU B 135 -3.66 29.05 0.27
C LEU B 135 -3.96 29.66 -1.09
N LEU B 136 -3.99 31.00 -1.15
CA LEU B 136 -4.20 31.71 -2.42
C LEU B 136 -3.07 31.49 -3.42
N ASN B 137 -1.83 31.42 -2.91
CA ASN B 137 -0.65 31.15 -3.75
C ASN B 137 -0.73 29.82 -4.47
N TRP B 138 -1.17 28.78 -3.76
CA TRP B 138 -1.32 27.46 -4.34
C TRP B 138 -2.43 27.42 -5.38
N GLY B 139 -3.42 28.28 -5.21
CA GLY B 139 -4.43 28.51 -6.24
C GLY B 139 -3.79 28.97 -7.53
N VAL B 140 -2.86 29.91 -7.41
CA VAL B 140 -2.10 30.42 -8.56
C VAL B 140 -1.27 29.29 -9.17
N GLN B 141 -0.51 28.60 -8.32
CA GLN B 141 0.43 27.58 -8.76
C GLN B 141 -0.23 26.41 -9.49
N ILE B 142 -1.30 25.87 -8.92
CA ILE B 142 -2.05 24.79 -9.57
C ILE B 142 -2.58 25.25 -10.94
N ALA B 143 -3.02 26.50 -11.00
CA ALA B 143 -3.53 27.08 -12.25
C ALA B 143 -2.45 27.16 -13.33
N LYS B 144 -1.25 27.61 -12.94
CA LYS B 144 -0.11 27.74 -13.86
C LYS B 144 0.33 26.41 -14.46
N GLY B 145 0.28 25.36 -13.64
CA GLY B 145 0.56 24.01 -14.10
C GLY B 145 -0.48 23.59 -15.13
N MET B 146 -1.75 23.81 -14.78
CA MET B 146 -2.86 23.42 -15.64
C MET B 146 -2.89 24.20 -16.95
N TYR B 147 -2.50 25.47 -16.89
CA TYR B 147 -2.37 26.28 -18.09
C TYR B 147 -1.27 25.70 -18.98
N TYR B 148 -0.15 25.31 -18.37
CA TYR B 148 0.93 24.68 -19.10
C TYR B 148 0.43 23.43 -19.82
N LEU B 149 -0.23 22.54 -19.08
CA LEU B 149 -0.81 21.32 -19.64
C LEU B 149 -1.76 21.62 -20.79
N GLU B 150 -2.63 22.60 -20.58
CA GLU B 150 -3.58 23.02 -21.61
C GLU B 150 -2.85 23.46 -22.88
N GLU B 151 -1.79 24.24 -22.69
CA GLU B 151 -1.01 24.81 -23.79
C GLU B 151 -0.36 23.77 -24.69
N HIS B 152 0.03 22.63 -24.10
CA HIS B 152 0.63 21.56 -24.86
C HIS B 152 -0.38 20.46 -25.18
N GLY B 153 -1.66 20.76 -24.93
CA GLY B 153 -2.77 19.90 -25.33
C GLY B 153 -3.08 18.71 -24.44
N MET B 154 -2.57 18.73 -23.21
CA MET B 154 -2.74 17.61 -22.27
C MET B 154 -3.95 17.76 -21.33
N VAL B 155 -4.98 16.98 -21.59
CA VAL B 155 -6.12 16.89 -20.69
C VAL B 155 -5.72 16.00 -19.51
N HIS B 156 -6.01 16.47 -18.30
CA HIS B 156 -5.60 15.78 -17.07
C HIS B 156 -6.49 14.58 -16.74
N ARG B 157 -7.80 14.82 -16.70
CA ARG B 157 -8.83 13.80 -16.41
C ARG B 157 -8.94 13.36 -14.93
N ASN B 158 -7.96 13.72 -14.11
CA ASN B 158 -7.97 13.33 -12.70
C ASN B 158 -7.32 14.36 -11.78
N LEU B 159 -7.61 15.64 -12.00
CA LEU B 159 -7.06 16.69 -11.16
C LEU B 159 -7.87 16.83 -9.87
N ALA B 160 -7.16 16.76 -8.74
CA ALA B 160 -7.75 16.80 -7.40
C ALA B 160 -6.63 17.10 -6.39
N ALA B 161 -7.00 17.38 -5.15
CA ALA B 161 -6.03 17.78 -4.13
C ALA B 161 -5.12 16.62 -3.69
N ARG B 162 -5.62 15.40 -3.83
CA ARG B 162 -4.80 14.20 -3.63
C ARG B 162 -3.75 14.09 -4.73
N ASN B 163 -3.99 14.80 -5.83
CA ASN B 163 -3.09 14.80 -6.97
C ASN B 163 -2.26 16.07 -7.13
N VAL B 164 -2.29 16.92 -6.10
CA VAL B 164 -1.36 18.04 -6.03
C VAL B 164 -0.36 17.71 -4.91
N LEU B 165 0.92 17.84 -5.21
CA LEU B 165 2.00 17.44 -4.30
C LEU B 165 2.93 18.62 -4.00
N LEU B 166 3.53 18.61 -2.81
CA LEU B 166 4.50 19.65 -2.43
C LEU B 166 5.92 19.29 -2.86
N LYS B 167 6.52 20.13 -3.71
CA LYS B 167 7.93 20.02 -4.07
C LYS B 167 8.77 20.63 -2.94
N SER B 168 8.20 21.64 -2.28
CA SER B 168 8.77 22.22 -1.07
C SER B 168 7.63 22.76 -0.20
N PRO B 169 7.93 23.16 1.05
CA PRO B 169 6.87 23.66 1.94
C PRO B 169 6.03 24.80 1.35
N SER B 170 6.52 25.44 0.29
CA SER B 170 5.78 26.51 -0.38
C SER B 170 5.35 26.17 -1.81
N GLN B 171 6.17 25.39 -2.52
CA GLN B 171 5.91 25.08 -3.93
C GLN B 171 5.08 23.82 -4.11
N VAL B 172 4.12 23.86 -5.04
CA VAL B 172 3.29 22.69 -5.33
C VAL B 172 3.33 22.30 -6.81
N GLN B 173 3.02 21.03 -7.09
CA GLN B 173 3.09 20.51 -8.43
C GLN B 173 1.92 19.60 -8.78
N VAL B 174 1.39 19.77 -9.97
CA VAL B 174 0.31 18.91 -10.44
C VAL B 174 0.83 17.52 -10.83
N ALA B 175 0.22 16.49 -10.23
CA ALA B 175 0.62 15.10 -10.46
C ALA B 175 -0.48 14.31 -11.17
N ASP B 176 -0.11 13.14 -11.69
CA ASP B 176 -1.04 12.13 -12.21
C ASP B 176 -1.83 12.51 -13.47
N PHE B 177 -1.32 13.45 -14.25
CA PHE B 177 -1.95 13.81 -15.51
C PHE B 177 -1.72 12.73 -16.56
N GLY B 178 -2.70 12.58 -17.46
CA GLY B 178 -2.59 11.67 -18.60
C GLY B 178 -2.85 10.20 -18.33
N VAL B 179 -2.78 9.79 -17.06
CA VAL B 179 -2.89 8.37 -16.69
C VAL B 179 -4.17 7.70 -17.22
N ALA B 180 -5.31 8.36 -17.03
CA ALA B 180 -6.61 7.84 -17.45
C ALA B 180 -6.69 7.43 -18.93
N ASP B 181 -6.01 8.17 -19.79
CA ASP B 181 -6.05 7.90 -21.23
C ASP B 181 -5.15 6.72 -21.67
N LEU B 182 -4.34 6.21 -20.75
CA LEU B 182 -3.54 5.00 -20.99
C LEU B 182 -4.39 3.74 -21.04
N LEU B 183 -5.66 3.83 -20.63
CA LEU B 183 -6.50 2.65 -20.45
C LEU B 183 -7.87 2.76 -21.13
N PRO B 184 -8.41 1.62 -21.60
CA PRO B 184 -9.77 1.57 -22.14
C PRO B 184 -10.82 2.00 -21.10
N PRO B 185 -11.98 2.51 -21.54
CA PRO B 185 -13.02 3.01 -20.61
C PRO B 185 -13.64 1.92 -19.72
N ASP B 186 -13.96 2.29 -18.47
CA ASP B 186 -14.44 1.36 -17.43
C ASP B 186 -15.11 2.11 -16.25
N ASP B 187 -15.85 1.38 -15.41
CA ASP B 187 -16.52 1.98 -14.25
C ASP B 187 -15.97 1.58 -12.88
N LYS B 188 -15.32 2.53 -12.22
CA LYS B 188 -14.73 2.34 -10.89
C LYS B 188 -15.25 3.36 -9.88
N PRO B 198 -13.62 9.76 -8.49
CA PRO B 198 -13.43 10.80 -9.49
C PRO B 198 -14.75 11.48 -9.87
N ILE B 199 -15.86 10.79 -9.65
CA ILE B 199 -17.18 11.32 -9.96
C ILE B 199 -17.39 12.65 -9.23
N LYS B 200 -16.89 12.75 -8.01
CA LYS B 200 -17.01 13.98 -7.22
C LYS B 200 -16.18 15.15 -7.80
N TRP B 201 -15.30 14.85 -8.75
CA TRP B 201 -14.46 15.87 -9.39
C TRP B 201 -14.75 16.03 -10.88
N MET B 202 -15.72 15.26 -11.39
CA MET B 202 -16.04 15.30 -12.82
C MET B 202 -17.08 16.35 -13.16
N ALA B 203 -16.89 16.98 -14.32
CA ALA B 203 -17.89 17.86 -14.91
C ALA B 203 -19.11 17.02 -15.30
N LEU B 204 -20.26 17.66 -15.31
CA LEU B 204 -21.51 16.97 -15.62
C LEU B 204 -21.47 16.28 -16.98
N GLU B 205 -20.85 16.92 -17.98
CA GLU B 205 -20.77 16.33 -19.32
C GLU B 205 -19.85 15.12 -19.39
N SER B 206 -18.84 15.08 -18.50
CA SER B 206 -17.98 13.91 -18.37
C SER B 206 -18.76 12.76 -17.75
N ILE B 207 -19.65 13.09 -16.81
CA ILE B 207 -20.51 12.11 -16.17
C ILE B 207 -21.54 11.55 -17.18
N HIS B 208 -22.18 12.44 -17.93
CA HIS B 208 -23.23 12.04 -18.88
C HIS B 208 -22.68 11.46 -20.20
N PHE B 209 -21.84 12.23 -20.88
CA PHE B 209 -21.39 11.92 -22.25
C PHE B 209 -20.04 11.20 -22.36
N GLY B 210 -19.34 11.03 -21.23
CA GLY B 210 -18.00 10.45 -21.23
C GLY B 210 -16.96 11.36 -21.88
N LYS B 211 -17.30 12.64 -21.97
CA LYS B 211 -16.51 13.64 -22.68
C LYS B 211 -15.54 14.39 -21.75
N TYR B 212 -14.25 14.32 -22.06
CA TYR B 212 -13.21 14.97 -21.25
C TYR B 212 -12.45 16.01 -22.06
N THR B 213 -12.40 17.24 -21.55
CA THR B 213 -11.71 18.34 -22.22
C THR B 213 -10.88 19.16 -21.24
N HIS B 214 -10.20 20.19 -21.76
CA HIS B 214 -9.52 21.18 -20.92
C HIS B 214 -10.54 21.89 -20.06
N GLN B 215 -11.74 22.07 -20.62
CA GLN B 215 -12.83 22.76 -19.96
C GLN B 215 -13.48 21.93 -18.84
N SER B 216 -13.37 20.61 -18.93
CA SER B 216 -13.85 19.73 -17.85
C SER B 216 -12.81 19.64 -16.75
N ASP B 217 -11.54 19.83 -17.10
CA ASP B 217 -10.48 19.91 -16.10
C ASP B 217 -10.70 21.13 -15.22
N VAL B 218 -11.18 22.21 -15.84
CA VAL B 218 -11.52 23.44 -15.13
C VAL B 218 -12.54 23.15 -14.03
N TRP B 219 -13.55 22.34 -14.34
CA TRP B 219 -14.52 21.89 -13.33
C TRP B 219 -13.81 21.26 -12.13
N SER B 220 -12.87 20.35 -12.42
CA SER B 220 -12.12 19.64 -11.40
C SER B 220 -11.26 20.59 -10.58
N TYR B 221 -10.64 21.57 -11.25
CA TYR B 221 -9.88 22.62 -10.58
C TYR B 221 -10.73 23.30 -9.51
N GLY B 222 -11.97 23.61 -9.86
CA GLY B 222 -12.93 24.19 -8.92
C GLY B 222 -13.10 23.39 -7.65
N VAL B 223 -13.27 22.07 -7.78
CA VAL B 223 -13.48 21.18 -6.64
C VAL B 223 -12.20 21.06 -5.82
N THR B 224 -11.06 21.22 -6.50
CA THR B 224 -9.76 21.12 -5.88
C THR B 224 -9.54 22.34 -4.98
N VAL B 225 -9.69 23.53 -5.55
CA VAL B 225 -9.62 24.78 -4.79
C VAL B 225 -10.57 24.72 -3.59
N TRP B 226 -11.77 24.20 -3.82
CA TRP B 226 -12.75 24.01 -2.76
C TRP B 226 -12.17 23.20 -1.60
N GLU B 227 -11.47 22.11 -1.92
CA GLU B 227 -10.82 21.27 -0.93
C GLU B 227 -9.82 22.06 -0.09
N LEU B 228 -9.05 22.91 -0.76
CA LEU B 228 -8.00 23.71 -0.11
C LEU B 228 -8.56 24.70 0.91
N MET B 229 -9.64 25.37 0.54
CA MET B 229 -10.24 26.40 1.37
C MET B 229 -11.04 25.78 2.50
N THR B 230 -11.58 24.59 2.26
CA THR B 230 -12.29 23.84 3.29
C THR B 230 -11.32 23.05 4.17
N PHE B 231 -10.01 23.29 3.98
CA PHE B 231 -8.94 22.52 4.61
C PHE B 231 -9.16 21.02 4.46
N GLY B 232 -9.40 20.60 3.22
CA GLY B 232 -9.50 19.19 2.87
C GLY B 232 -10.77 18.50 3.32
N ALA B 233 -11.92 19.13 3.11
CA ALA B 233 -13.18 18.45 3.37
C ALA B 233 -13.51 17.57 2.16
N GLU B 234 -14.11 16.40 2.42
CA GLU B 234 -14.56 15.53 1.34
C GLU B 234 -15.80 16.13 0.69
N PRO B 235 -15.75 16.30 -0.65
CA PRO B 235 -16.86 16.86 -1.42
C PRO B 235 -18.08 15.95 -1.37
N TYR B 236 -19.27 16.55 -1.38
CA TYR B 236 -20.55 15.83 -1.35
C TYR B 236 -20.63 14.84 -0.18
N ALA B 237 -20.06 15.25 0.96
CA ALA B 237 -19.91 14.40 2.14
C ALA B 237 -21.23 13.86 2.68
N GLY B 238 -21.22 12.58 3.02
CA GLY B 238 -22.35 11.93 3.68
C GLY B 238 -23.34 11.22 2.76
N LEU B 239 -23.58 11.80 1.59
CA LEU B 239 -24.65 11.32 0.69
C LEU B 239 -24.16 10.41 -0.44
N ARG B 240 -25.09 9.60 -0.97
CA ARG B 240 -24.79 8.63 -2.03
C ARG B 240 -24.42 9.30 -3.35
N LEU B 241 -23.49 8.68 -4.07
CA LEU B 241 -23.00 9.18 -5.35
C LEU B 241 -24.11 9.37 -6.38
N ALA B 242 -24.98 8.37 -6.52
CA ALA B 242 -26.08 8.40 -7.48
C ALA B 242 -26.80 9.75 -7.52
N GLU B 243 -26.94 10.40 -6.37
CA GLU B 243 -27.64 11.69 -6.27
C GLU B 243 -26.80 12.87 -6.77
N VAL B 244 -25.48 12.72 -6.76
CA VAL B 244 -24.58 13.80 -7.21
C VAL B 244 -24.96 14.35 -8.59
N PRO B 245 -24.93 13.52 -9.66
CA PRO B 245 -25.30 14.07 -10.97
C PRO B 245 -26.69 14.72 -11.02
N ASP B 246 -27.62 14.23 -10.20
CA ASP B 246 -28.97 14.80 -10.12
C ASP B 246 -28.98 16.12 -9.35
N LEU B 247 -28.13 16.21 -8.33
CA LEU B 247 -27.95 17.42 -7.53
C LEU B 247 -27.35 18.55 -8.36
N LEU B 248 -26.36 18.20 -9.19
CA LEU B 248 -25.77 19.16 -10.13
C LEU B 248 -26.81 19.63 -11.15
N GLU B 249 -27.56 18.68 -11.70
CA GLU B 249 -28.62 18.99 -12.67
C GLU B 249 -29.66 19.95 -12.10
N LYS B 250 -29.99 19.79 -10.82
CA LYS B 250 -30.92 20.69 -10.13
C LYS B 250 -30.33 22.08 -9.91
N GLY B 251 -29.06 22.26 -10.24
CA GLY B 251 -28.41 23.56 -10.22
C GLY B 251 -27.64 23.90 -8.96
N GLU B 252 -27.72 23.04 -7.94
CA GLU B 252 -26.98 23.27 -6.71
C GLU B 252 -25.54 22.72 -6.78
N ARG B 253 -24.64 23.46 -6.15
CA ARG B 253 -23.22 23.13 -6.11
C ARG B 253 -22.78 23.01 -4.65
N LEU B 254 -21.49 22.79 -4.43
CA LEU B 254 -20.95 22.69 -3.06
C LEU B 254 -21.06 24.03 -2.33
N ALA B 255 -21.20 23.95 -1.01
CA ALA B 255 -21.34 25.15 -0.17
C ALA B 255 -20.04 25.95 -0.14
N GLN B 256 -20.15 27.25 0.16
CA GLN B 256 -18.97 28.10 0.24
C GLN B 256 -18.22 27.87 1.56
N PRO B 257 -16.91 27.62 1.47
CA PRO B 257 -16.06 27.37 2.64
C PRO B 257 -16.10 28.53 3.65
N GLN B 258 -15.92 28.21 4.93
CA GLN B 258 -15.99 29.20 6.01
C GLN B 258 -15.00 30.36 5.87
N ILE B 259 -13.89 30.12 5.18
CA ILE B 259 -12.83 31.12 5.08
C ILE B 259 -12.86 31.96 3.80
N CYS B 260 -13.86 31.72 2.95
CA CYS B 260 -13.92 32.38 1.64
C CYS B 260 -14.90 33.56 1.56
N THR B 261 -14.39 34.71 1.14
CA THR B 261 -15.24 35.86 0.84
C THR B 261 -16.00 35.57 -0.45
N ILE B 262 -17.17 36.19 -0.61
CA ILE B 262 -18.03 35.92 -1.76
C ILE B 262 -17.28 35.82 -3.11
N ASP B 263 -16.23 36.62 -3.26
CA ASP B 263 -15.45 36.69 -4.49
C ASP B 263 -14.67 35.40 -4.80
N VAL B 264 -14.15 34.75 -3.75
CA VAL B 264 -13.44 33.47 -3.93
C VAL B 264 -14.43 32.38 -4.35
N TYR B 265 -15.52 32.26 -3.60
CA TYR B 265 -16.56 31.27 -3.91
C TYR B 265 -17.02 31.40 -5.35
N MET B 266 -17.14 32.64 -5.83
CA MET B 266 -17.56 32.92 -7.19
C MET B 266 -16.61 32.35 -8.25
N VAL B 267 -15.30 32.35 -7.95
CA VAL B 267 -14.31 31.74 -8.85
C VAL B 267 -14.65 30.27 -9.08
N MET B 268 -14.94 29.56 -7.98
CA MET B 268 -15.31 28.16 -8.02
C MET B 268 -16.63 27.90 -8.76
N VAL B 269 -17.66 28.70 -8.47
CA VAL B 269 -18.97 28.54 -9.09
C VAL B 269 -18.88 28.69 -10.61
N LYS B 270 -18.02 29.61 -11.05
CA LYS B 270 -17.73 29.82 -12.46
C LYS B 270 -17.11 28.59 -13.12
N CYS B 271 -16.33 27.82 -12.34
CA CYS B 271 -15.75 26.57 -12.83
C CYS B 271 -16.82 25.52 -13.09
N TRP B 272 -17.96 25.65 -12.41
CA TRP B 272 -19.00 24.62 -12.44
C TRP B 272 -20.24 25.01 -13.27
N MET B 273 -20.07 25.96 -14.18
CA MET B 273 -21.14 26.37 -15.10
C MET B 273 -21.47 25.25 -16.07
N ILE B 274 -22.76 24.95 -16.24
CA ILE B 274 -23.20 23.89 -17.15
C ILE B 274 -22.60 24.05 -18.55
N ASP B 275 -22.52 25.29 -19.03
CA ASP B 275 -21.89 25.56 -20.32
C ASP B 275 -20.39 25.67 -20.17
N GLU B 276 -19.69 24.68 -20.74
CA GLU B 276 -18.24 24.59 -20.66
C GLU B 276 -17.51 25.75 -21.34
N ASN B 277 -18.08 26.28 -22.42
CA ASN B 277 -17.52 27.47 -23.06
C ASN B 277 -17.48 28.67 -22.11
N ILE B 278 -18.48 28.72 -21.21
CA ILE B 278 -18.60 29.80 -20.24
C ILE B 278 -17.54 29.78 -19.13
N ARG B 279 -17.19 28.59 -18.65
CA ARG B 279 -16.22 28.42 -17.57
C ARG B 279 -14.89 29.10 -17.94
N PRO B 280 -14.19 29.67 -16.93
CA PRO B 280 -12.96 30.40 -17.21
C PRO B 280 -11.79 29.51 -17.63
N THR B 281 -10.96 30.01 -18.55
CA THR B 281 -9.71 29.36 -18.91
C THR B 281 -8.83 29.27 -17.67
N PHE B 282 -7.84 28.38 -17.69
CA PHE B 282 -6.87 28.33 -16.61
C PHE B 282 -6.05 29.62 -16.54
N LYS B 283 -5.84 30.25 -17.69
CA LYS B 283 -5.10 31.51 -17.79
C LYS B 283 -5.76 32.63 -17.00
N GLU B 284 -7.09 32.67 -17.05
CA GLU B 284 -7.87 33.64 -16.29
C GLU B 284 -7.85 33.32 -14.82
N LEU B 285 -7.96 32.02 -14.51
CA LEU B 285 -7.92 31.55 -13.13
C LEU B 285 -6.60 31.92 -12.48
N ALA B 286 -5.51 31.76 -13.24
CA ALA B 286 -4.18 32.23 -12.83
C ALA B 286 -4.20 33.71 -12.50
N ASN B 287 -4.82 34.51 -13.37
CA ASN B 287 -4.84 35.96 -13.25
C ASN B 287 -5.75 36.50 -12.14
N GLU B 288 -6.79 35.75 -11.75
CA GLU B 288 -7.62 36.21 -10.62
C GLU B 288 -6.98 35.92 -9.26
N PHE B 289 -6.41 34.73 -9.10
CA PHE B 289 -5.73 34.41 -7.85
C PHE B 289 -4.49 35.26 -7.63
N THR B 290 -3.76 35.54 -8.72
CA THR B 290 -2.58 36.40 -8.67
C THR B 290 -2.91 37.76 -8.05
N ARG B 291 -3.99 38.39 -8.51
CA ARG B 291 -4.36 39.70 -8.00
C ARG B 291 -5.05 39.64 -6.64
N MET B 292 -5.68 38.50 -6.34
CA MET B 292 -6.24 38.26 -5.01
C MET B 292 -5.15 37.97 -4.01
N ALA B 293 -4.06 37.35 -4.48
CA ALA B 293 -2.90 37.04 -3.67
C ALA B 293 -2.19 38.30 -3.21
N ARG B 294 -2.35 39.39 -3.96
CA ARG B 294 -1.79 40.69 -3.61
C ARG B 294 -2.41 41.25 -2.32
N ASP B 295 -3.55 40.71 -1.92
CA ASP B 295 -4.18 41.08 -0.64
C ASP B 295 -4.92 39.88 0.00
N PRO B 296 -4.16 38.96 0.63
CA PRO B 296 -4.74 37.72 1.16
C PRO B 296 -5.91 37.85 2.17
N PRO B 297 -5.79 38.73 3.20
CA PRO B 297 -6.85 38.74 4.21
C PRO B 297 -8.16 39.37 3.73
N ARG B 298 -8.07 40.13 2.63
CA ARG B 298 -9.25 40.70 1.99
C ARG B 298 -10.13 39.59 1.39
N TYR B 299 -9.49 38.56 0.85
CA TYR B 299 -10.21 37.49 0.16
C TYR B 299 -10.44 36.24 1.01
N LEU B 300 -9.56 35.98 1.97
CA LEU B 300 -9.75 34.85 2.87
C LEU B 300 -9.74 35.29 4.33
N VAL B 301 -10.58 34.64 5.15
CA VAL B 301 -10.71 35.02 6.56
C VAL B 301 -10.49 33.83 7.51
N ILE B 302 -9.36 33.86 8.21
CA ILE B 302 -9.03 32.85 9.24
C ILE B 302 -9.45 33.36 10.63
MG MG C . 3.51 -11.04 5.56
PG ANP D . 6.60 -9.85 5.57
O1G ANP D . 5.59 -10.97 5.66
O2G ANP D . 7.87 -10.11 6.35
O3G ANP D . 6.83 -9.36 4.17
PB ANP D . 4.21 -8.13 6.01
O1B ANP D . 3.84 -6.84 6.72
O2B ANP D . 3.36 -9.35 6.26
N3B ANP D . 5.85 -8.51 6.41
PA ANP D . 3.36 -8.67 3.37
O1A ANP D . 3.81 -8.24 2.00
O2A ANP D . 3.47 -10.13 3.76
O3A ANP D . 4.20 -7.80 4.44
O5' ANP D . 1.84 -8.20 3.62
C5' ANP D . 1.51 -6.81 3.68
C4' ANP D . 0.19 -6.60 4.42
O4' ANP D . -0.86 -7.42 3.89
C3' ANP D . 0.31 -6.94 5.90
O3' ANP D . -0.25 -5.86 6.67
C2' ANP D . -0.53 -8.19 6.07
O2' ANP D . -1.15 -8.29 7.35
C1' ANP D . -1.55 -8.07 4.96
N9 ANP D . -2.08 -9.40 4.53
C8 ANP D . -1.36 -10.41 4.03
N7 ANP D . -2.16 -11.48 3.74
C5 ANP D . -3.42 -11.12 4.05
C6 ANP D . -4.76 -11.76 3.98
N6 ANP D . -4.90 -13.02 3.52
N1 ANP D . -5.82 -11.03 4.40
C2 ANP D . -5.70 -9.78 4.87
N3 ANP D . -4.52 -9.13 4.95
C4 ANP D . -3.36 -9.74 4.56
MG MG E . -2.30 10.15 -7.21
PG ANP F . -5.74 8.75 -7.75
O1G ANP F . -4.61 9.71 -8.02
O2G ANP F . -7.11 9.31 -8.04
O3G ANP F . -5.51 7.38 -8.34
PB ANP F . -4.21 8.55 -5.22
O1B ANP F . -4.48 8.51 -3.74
O2B ANP F . -3.41 9.71 -5.78
N3B ANP F . -5.74 8.48 -6.04
PA ANP F . -2.19 6.96 -6.49
O1A ANP F . -2.20 5.51 -6.90
O2A ANP F . -2.15 8.03 -7.56
O3A ANP F . -3.48 7.15 -5.56
O5' ANP F . -0.97 7.23 -5.47
C5' ANP F . -0.92 6.52 -4.23
C4' ANP F . -0.05 7.23 -3.20
O4' ANP F . 1.23 7.56 -3.75
C3' ANP F . -0.68 8.53 -2.71
O3' ANP F . -0.70 8.48 -1.28
C2' ANP F . 0.27 9.62 -3.19
O2' ANP F . 0.38 10.69 -2.25
C1' ANP F . 1.59 8.88 -3.35
N9 ANP F . 2.43 9.51 -4.39
C8 ANP F . 2.14 9.61 -5.69
N7 ANP F . 3.14 10.24 -6.37
C5 ANP F . 4.09 10.55 -5.47
C6 ANP F . 5.41 11.21 -5.50
N6 ANP F . 5.91 11.68 -6.67
N1 ANP F . 6.09 11.34 -4.34
C2 ANP F . 5.60 10.87 -3.17
N3 ANP F . 4.40 10.25 -3.07
C4 ANP F . 3.63 10.06 -4.16
#